data_8VSO
#
_entry.id   8VSO
#
_cell.length_a   82.180
_cell.length_b   112.457
_cell.length_c   62.896
_cell.angle_alpha   90.00
_cell.angle_beta   90.00
_cell.angle_gamma   90.00
#
_symmetry.space_group_name_H-M   'C 2 2 21'
#
loop_
_entity.id
_entity.type
_entity.pdbx_description
1 polymer '14-3-3 protein sigma'
2 polymer 'Serine/threonine-protein kinase B-raf phosphopeptide'
3 non-polymer 'CHLORIDE ION'
4 non-polymer 'MAGNESIUM ION'
5 non-polymer 1-[8-(4-bromophenyl)sulfonyl-5-oxa-2,8-diazaspiro[3.5]nonan-2-yl]-2-chloranyl-ethanone
6 water water
#
loop_
_entity_poly.entity_id
_entity_poly.type
_entity_poly.pdbx_seq_one_letter_code
_entity_poly.pdbx_strand_id
1 'polypeptide(L)'
;GAMGSMERASLIQKAKLAEQAERYEDMAAFMKGAVEKGEELSCEERNLLSVAYKNVVGGQRAAWRVLSSIEQKSNEEGSE
EKGPEVREYREKVETELQGVCDTVLGLLDSHLIKEAGDAESRVFYLKMKGDYYRYLAEVATGDDKKRIIDSARSAYQEAM
DISKKEMPPTNPIRLGLALNFSVFHYEIANSPEEAISLAKTTFDEAMADLHTLSEDSYKDSTLIMQLLRDNLTLWT
;
B
2 'polypeptide(L)' DRSS(SEP)APNV P
#
loop_
_chem_comp.id
_chem_comp.type
_chem_comp.name
_chem_comp.formula
CL non-polymer 'CHLORIDE ION' 'Cl -1'
MG non-polymer 'MAGNESIUM ION' 'Mg 2'
WQN non-polymer 1-[8-(4-bromophenyl)sulfonyl-5-oxa-2,8-diazaspiro[3.5]nonan-2-yl]-2-chloranyl-ethanone 'C14 H16 Br Cl N2 O4 S'
#
# COMPACT_ATOMS: atom_id res chain seq x y z
N GLY A 1 0.27 -22.20 -9.93
CA GLY A 1 1.58 -21.72 -10.34
C GLY A 1 2.70 -22.57 -9.76
N ALA A 2 3.85 -21.93 -9.50
CA ALA A 2 5.03 -22.59 -8.98
C ALA A 2 4.83 -23.22 -7.60
N MET A 3 3.86 -22.68 -6.84
CA MET A 3 3.58 -23.18 -5.50
C MET A 3 2.37 -24.11 -5.50
N GLY A 4 1.94 -24.53 -6.71
CA GLY A 4 0.73 -25.32 -6.85
C GLY A 4 0.77 -26.66 -6.14
N SER A 5 1.97 -27.21 -5.95
CA SER A 5 2.08 -28.50 -5.29
C SER A 5 2.21 -28.45 -3.77
N MET A 6 2.33 -27.24 -3.18
CA MET A 6 2.49 -27.12 -1.75
C MET A 6 1.15 -26.87 -1.08
N GLU A 7 0.96 -27.52 0.07
CA GLU A 7 -0.25 -27.30 0.88
C GLU A 7 -0.40 -25.83 1.26
N ARG A 8 -1.65 -25.37 1.29
CA ARG A 8 -1.94 -24.01 1.76
C ARG A 8 -1.33 -23.73 3.13
N ALA A 9 -1.49 -24.65 4.10
CA ALA A 9 -0.97 -24.41 5.44
C ALA A 9 0.55 -24.32 5.46
N SER A 10 1.20 -25.10 4.61
CA SER A 10 2.66 -25.08 4.50
C SER A 10 3.16 -23.78 3.89
N LEU A 11 2.43 -23.24 2.91
CA LEU A 11 2.74 -21.94 2.33
C LEU A 11 2.66 -20.84 3.38
N ILE A 12 1.65 -20.89 4.24
CA ILE A 12 1.50 -19.85 5.29
C ILE A 12 2.62 -20.01 6.32
N GLN A 13 2.87 -21.25 6.73
CA GLN A 13 3.96 -21.49 7.66
C GLN A 13 5.28 -20.95 7.10
N LYS A 14 5.57 -21.25 5.82
CA LYS A 14 6.82 -20.79 5.21
C LYS A 14 6.86 -19.27 5.02
N ALA A 15 5.71 -18.63 4.75
CA ALA A 15 5.67 -17.17 4.72
C ALA A 15 6.09 -16.59 6.06
N LYS A 16 5.63 -17.20 7.16
CA LYS A 16 6.02 -16.71 8.49
C LYS A 16 7.51 -16.87 8.72
N LEU A 17 8.07 -18.01 8.30
CA LEU A 17 9.52 -18.26 8.39
C LEU A 17 10.32 -17.25 7.56
N ALA A 18 9.86 -16.98 6.33
CA ALA A 18 10.50 -16.05 5.43
C ALA A 18 10.49 -14.66 6.04
N GLU A 19 9.40 -14.28 6.69
CA GLU A 19 9.33 -13.01 7.41
C GLU A 19 10.41 -12.91 8.50
N GLN A 20 10.54 -13.96 9.31
CA GLN A 20 11.56 -13.97 10.35
C GLN A 20 12.98 -13.87 9.80
N ALA A 21 13.19 -14.45 8.62
CA ALA A 21 14.48 -14.48 7.96
C ALA A 21 14.71 -13.25 7.07
N GLU A 22 13.74 -12.32 7.06
CA GLU A 22 13.79 -11.15 6.18
C GLU A 22 13.98 -11.48 4.70
N ARG A 23 13.33 -12.57 4.26
CA ARG A 23 13.34 -13.03 2.88
C ARG A 23 12.00 -12.68 2.23
N TYR A 24 11.83 -11.39 1.90
CA TYR A 24 10.51 -10.91 1.55
C TYR A 24 10.04 -11.32 0.14
N GLU A 25 10.97 -11.51 -0.79
CA GLU A 25 10.61 -12.05 -2.09
C GLU A 25 10.04 -13.46 -1.92
N ASP A 26 10.70 -14.32 -1.14
CA ASP A 26 10.16 -15.63 -0.84
C ASP A 26 8.79 -15.54 -0.17
N MET A 27 8.69 -14.64 0.80
CA MET A 27 7.44 -14.47 1.53
C MET A 27 6.29 -14.14 0.58
N ALA A 28 6.55 -13.24 -0.38
CA ALA A 28 5.54 -12.82 -1.32
C ALA A 28 5.15 -14.00 -2.23
N ALA A 29 6.14 -14.77 -2.67
CA ALA A 29 5.82 -15.93 -3.51
C ALA A 29 4.97 -16.96 -2.76
N PHE A 30 5.31 -17.21 -1.48
CA PHE A 30 4.52 -18.13 -0.67
C PHE A 30 3.09 -17.61 -0.52
N MET A 31 2.92 -16.30 -0.23
CA MET A 31 1.58 -15.78 -0.07
C MET A 31 0.78 -15.70 -1.37
N LYS A 32 1.43 -15.41 -2.50
CA LYS A 32 0.77 -15.53 -3.79
C LYS A 32 0.27 -16.96 -3.99
N GLY A 33 1.12 -17.95 -3.65
CA GLY A 33 0.70 -19.34 -3.75
C GLY A 33 -0.54 -19.62 -2.90
N ALA A 34 -0.54 -19.10 -1.67
CA ALA A 34 -1.66 -19.29 -0.77
C ALA A 34 -2.93 -18.66 -1.33
N VAL A 35 -2.85 -17.44 -1.85
CA VAL A 35 -4.01 -16.81 -2.45
C VAL A 35 -4.55 -17.67 -3.61
N GLU A 36 -3.63 -18.17 -4.42
CA GLU A 36 -4.03 -18.94 -5.59
C GLU A 36 -4.71 -20.27 -5.25
N LYS A 37 -4.68 -20.70 -3.98
CA LYS A 37 -5.48 -21.84 -3.58
C LYS A 37 -6.99 -21.59 -3.70
N GLY A 38 -7.39 -20.31 -3.73
CA GLY A 38 -8.78 -19.95 -4.02
C GLY A 38 -9.65 -19.74 -2.79
N GLU A 39 -9.11 -20.01 -1.59
CA GLU A 39 -9.84 -19.78 -0.37
C GLU A 39 -9.64 -18.33 0.09
N GLU A 40 -10.62 -17.80 0.80
CA GLU A 40 -10.48 -16.49 1.40
C GLU A 40 -9.37 -16.49 2.45
N LEU A 41 -8.84 -15.30 2.73
CA LEU A 41 -7.75 -15.15 3.67
C LEU A 41 -8.28 -14.62 4.99
N SER A 42 -7.74 -15.14 6.07
CA SER A 42 -8.00 -14.58 7.38
C SER A 42 -7.36 -13.25 7.57
N CYS A 43 -7.59 -12.51 8.75
CA CYS A 43 -6.89 -11.24 9.07
C CYS A 43 -5.39 -11.46 9.10
N GLU A 44 -4.88 -12.50 9.86
CA GLU A 44 -3.47 -12.76 9.93
C GLU A 44 -2.86 -13.00 8.55
N GLU A 45 -3.57 -13.75 7.69
CA GLU A 45 -3.04 -14.08 6.37
C GLU A 45 -3.00 -12.83 5.47
N ARG A 46 -4.02 -11.98 5.57
CA ARG A 46 -3.99 -10.69 4.86
C ARG A 46 -2.81 -9.86 5.32
N ASN A 47 -2.51 -9.86 6.62
CA ASN A 47 -1.32 -9.19 7.10
C ASN A 47 -0.04 -9.75 6.46
N LEU A 48 0.08 -11.07 6.36
CA LEU A 48 1.28 -11.64 5.76
C LEU A 48 1.41 -11.21 4.29
N LEU A 49 0.30 -11.24 3.56
CA LEU A 49 0.30 -10.82 2.17
C LEU A 49 0.75 -9.38 2.02
N SER A 50 0.21 -8.51 2.88
CA SER A 50 0.53 -7.09 2.88
C SER A 50 1.99 -6.81 3.18
N VAL A 51 2.52 -7.45 4.23
CA VAL A 51 3.90 -7.23 4.64
C VAL A 51 4.87 -7.68 3.54
N ALA A 52 4.58 -8.83 2.95
CA ALA A 52 5.48 -9.37 1.95
C ALA A 52 5.60 -8.42 0.76
N TYR A 53 4.45 -8.05 0.17
CA TYR A 53 4.50 -7.21 -1.02
C TYR A 53 4.94 -5.78 -0.72
N LYS A 54 4.62 -5.27 0.47
CA LYS A 54 5.03 -3.92 0.84
C LYS A 54 6.54 -3.83 0.90
N ASN A 55 7.19 -4.86 1.46
CA ASN A 55 8.63 -4.88 1.55
C ASN A 55 9.27 -5.02 0.17
N VAL A 56 8.72 -5.91 -0.67
CA VAL A 56 9.25 -6.07 -2.02
C VAL A 56 9.15 -4.75 -2.81
N VAL A 57 7.95 -4.19 -2.89
CA VAL A 57 7.75 -2.98 -3.67
C VAL A 57 8.47 -1.80 -3.00
N GLY A 58 8.60 -1.83 -1.67
CA GLY A 58 9.31 -0.77 -0.97
C GLY A 58 10.78 -0.68 -1.40
N GLY A 59 11.43 -1.83 -1.54
CA GLY A 59 12.79 -1.86 -2.06
C GLY A 59 12.90 -1.32 -3.49
N GLN A 60 11.94 -1.70 -4.34
CA GLN A 60 11.90 -1.26 -5.72
C GLN A 60 11.69 0.27 -5.80
N ARG A 61 10.78 0.80 -4.98
CA ARG A 61 10.48 2.22 -4.97
C ARG A 61 11.72 3.01 -4.53
N ALA A 62 12.41 2.53 -3.50
CA ALA A 62 13.59 3.21 -3.01
C ALA A 62 14.66 3.23 -4.09
N ALA A 63 14.84 2.10 -4.79
CA ALA A 63 15.83 2.00 -5.86
C ALA A 63 15.48 2.93 -7.02
N TRP A 64 14.20 2.91 -7.40
CA TRP A 64 13.72 3.76 -8.48
C TRP A 64 13.95 5.24 -8.19
N ARG A 65 13.71 5.65 -6.93
CA ARG A 65 13.93 7.03 -6.56
C ARG A 65 15.40 7.44 -6.67
N VAL A 66 16.32 6.56 -6.24
CA VAL A 66 17.74 6.82 -6.35
C VAL A 66 18.10 7.03 -7.82
N LEU A 67 17.69 6.09 -8.68
CA LEU A 67 18.02 6.11 -10.09
C LEU A 67 17.38 7.29 -10.84
N SER A 68 16.13 7.62 -10.50
CA SER A 68 15.45 8.76 -11.13
C SER A 68 16.19 10.04 -10.80
N SER A 69 16.67 10.16 -9.57
CA SER A 69 17.39 11.35 -9.14
C SER A 69 18.73 11.51 -9.88
N ILE A 70 19.43 10.40 -10.09
CA ILE A 70 20.68 10.41 -10.86
C ILE A 70 20.39 10.79 -12.31
N GLU A 71 19.29 10.26 -12.84
CA GLU A 71 18.90 10.50 -14.22
C GLU A 71 18.54 11.96 -14.44
N GLN A 72 17.83 12.56 -13.48
CA GLN A 72 17.40 13.94 -13.61
C GLN A 72 18.62 14.86 -13.57
N LYS A 73 19.57 14.56 -12.68
CA LYS A 73 20.83 15.29 -12.62
C LYS A 73 21.68 15.21 -13.89
N SER A 74 21.71 14.04 -14.53
CA SER A 74 22.45 13.89 -15.78
C SER A 74 21.84 14.70 -16.92
N ASN A 75 20.51 14.86 -16.90
CA ASN A 75 19.78 15.55 -17.95
C ASN A 75 19.60 17.03 -17.65
N GLU A 76 20.73 17.74 -17.51
CA GLU A 76 20.74 19.18 -17.29
C GLU A 76 21.97 19.81 -17.92
N SER A 79 25.44 18.99 -17.53
CA SER A 79 25.96 17.66 -17.13
C SER A 79 26.68 16.99 -18.30
N GLU A 80 27.77 16.31 -18.02
CA GLU A 80 28.52 15.56 -19.08
C GLU A 80 27.70 14.35 -19.53
N GLU A 81 27.50 14.21 -20.83
CA GLU A 81 26.77 13.09 -21.41
C GLU A 81 27.39 11.77 -20.95
N LYS A 82 26.55 10.89 -20.39
CA LYS A 82 27.01 9.62 -19.83
C LYS A 82 26.51 8.41 -20.62
N GLY A 83 25.71 8.67 -21.67
CA GLY A 83 25.15 7.61 -22.49
C GLY A 83 23.84 7.08 -21.91
N PRO A 84 23.31 5.98 -22.48
CA PRO A 84 21.96 5.53 -22.16
C PRO A 84 21.79 4.71 -20.87
N GLU A 85 22.88 4.46 -20.14
CA GLU A 85 22.87 3.44 -19.10
C GLU A 85 21.97 3.78 -17.92
N VAL A 86 21.98 5.05 -17.47
CA VAL A 86 21.20 5.44 -16.31
C VAL A 86 19.71 5.27 -16.62
N ARG A 87 19.30 5.78 -17.79
CA ARG A 87 17.92 5.62 -18.23
C ARG A 87 17.55 4.15 -18.39
N GLU A 88 18.41 3.35 -19.04
CA GLU A 88 18.14 1.95 -19.22
C GLU A 88 17.91 1.24 -17.89
N TYR A 89 18.77 1.50 -16.91
CA TYR A 89 18.70 0.79 -15.66
C TYR A 89 17.49 1.26 -14.83
N ARG A 90 17.22 2.56 -14.85
CA ARG A 90 15.97 3.05 -14.25
C ARG A 90 14.74 2.39 -14.87
N GLU A 91 14.72 2.27 -16.20
CA GLU A 91 13.65 1.61 -16.89
C GLU A 91 13.51 0.14 -16.47
N LYS A 92 14.64 -0.53 -16.26
CA LYS A 92 14.62 -1.93 -15.84
C LYS A 92 13.97 -2.05 -14.47
N VAL A 93 14.42 -1.24 -13.52
CA VAL A 93 13.84 -1.27 -12.19
C VAL A 93 12.36 -0.87 -12.24
N GLU A 94 12.02 0.15 -13.05
CA GLU A 94 10.63 0.56 -13.22
C GLU A 94 9.72 -0.56 -13.72
N THR A 95 10.17 -1.29 -14.73
CA THR A 95 9.41 -2.38 -15.28
C THR A 95 9.18 -3.46 -14.21
N GLU A 96 10.20 -3.78 -13.41
CA GLU A 96 10.06 -4.80 -12.39
CA GLU A 96 10.09 -4.80 -12.37
C GLU A 96 9.06 -4.36 -11.32
N LEU A 97 9.13 -3.09 -10.94
CA LEU A 97 8.18 -2.49 -9.99
CA LEU A 97 8.18 -2.49 -10.01
C LEU A 97 6.75 -2.57 -10.53
N GLN A 98 6.56 -2.19 -11.80
CA GLN A 98 5.26 -2.29 -12.44
C GLN A 98 4.77 -3.72 -12.44
N GLY A 99 5.68 -4.68 -12.65
CA GLY A 99 5.29 -6.08 -12.64
C GLY A 99 4.79 -6.57 -11.28
N VAL A 100 5.43 -6.13 -10.20
CA VAL A 100 4.98 -6.46 -8.85
C VAL A 100 3.60 -5.84 -8.61
N CYS A 101 3.42 -4.57 -8.97
CA CYS A 101 2.12 -3.93 -8.80
C CYS A 101 1.05 -4.67 -9.59
N ASP A 102 1.34 -5.03 -10.86
CA ASP A 102 0.39 -5.79 -11.64
C ASP A 102 0.04 -7.15 -11.04
N THR A 103 1.03 -7.82 -10.45
CA THR A 103 0.79 -9.08 -9.76
C THR A 103 -0.19 -8.91 -8.60
N VAL A 104 0.05 -7.88 -7.76
CA VAL A 104 -0.83 -7.65 -6.62
C VAL A 104 -2.23 -7.32 -7.11
N LEU A 105 -2.32 -6.41 -8.09
CA LEU A 105 -3.62 -5.99 -8.61
C LEU A 105 -4.36 -7.18 -9.21
N GLY A 106 -3.59 -8.09 -9.83
CA GLY A 106 -4.20 -9.28 -10.41
C GLY A 106 -4.78 -10.23 -9.35
N LEU A 107 -4.08 -10.37 -8.22
CA LEU A 107 -4.59 -11.20 -7.14
C LEU A 107 -5.87 -10.58 -6.57
N LEU A 108 -5.87 -9.25 -6.43
CA LEU A 108 -7.05 -8.58 -5.90
C LEU A 108 -8.24 -8.76 -6.85
N ASP A 109 -7.97 -8.70 -8.15
CA ASP A 109 -9.02 -8.83 -9.15
C ASP A 109 -9.46 -10.26 -9.41
N SER A 110 -8.58 -11.22 -9.10
CA SER A 110 -8.81 -12.63 -9.33
C SER A 110 -8.39 -13.48 -8.14
N HIS A 111 -9.17 -13.51 -7.06
CA HIS A 111 -10.54 -13.01 -6.97
C HIS A 111 -10.80 -12.51 -5.55
N LEU A 112 -9.79 -11.89 -4.94
CA LEU A 112 -9.91 -11.53 -3.55
C LEU A 112 -11.05 -10.54 -3.27
N ILE A 113 -11.13 -9.45 -4.03
CA ILE A 113 -12.10 -8.41 -3.76
C ILE A 113 -13.52 -8.95 -3.92
N LYS A 114 -13.79 -9.66 -5.01
CA LYS A 114 -15.16 -10.07 -5.27
C LYS A 114 -15.71 -11.04 -4.23
N GLU A 115 -14.85 -11.80 -3.53
CA GLU A 115 -15.33 -12.69 -2.50
C GLU A 115 -15.35 -12.05 -1.12
N ALA A 116 -14.81 -10.82 -1.00
CA ALA A 116 -14.68 -10.15 0.29
C ALA A 116 -15.98 -9.43 0.64
N GLY A 117 -16.72 -9.96 1.60
CA GLY A 117 -18.01 -9.41 2.00
C GLY A 117 -18.05 -8.72 3.36
N ASP A 118 -17.08 -9.02 4.22
CA ASP A 118 -17.03 -8.36 5.52
C ASP A 118 -16.30 -7.05 5.36
N ALA A 119 -16.63 -6.08 6.21
CA ALA A 119 -15.98 -4.78 6.13
C ALA A 119 -14.46 -4.84 6.24
N GLU A 120 -13.92 -5.61 7.19
CA GLU A 120 -12.47 -5.61 7.41
C GLU A 120 -11.73 -6.14 6.17
N SER A 121 -12.26 -7.21 5.57
CA SER A 121 -11.63 -7.74 4.37
C SER A 121 -11.79 -6.84 3.16
N ARG A 122 -13.02 -6.36 2.92
CA ARG A 122 -13.27 -5.57 1.73
C ARG A 122 -12.52 -4.25 1.75
N VAL A 123 -12.55 -3.56 2.90
CA VAL A 123 -11.80 -2.32 3.04
C VAL A 123 -10.30 -2.56 2.90
N PHE A 124 -9.77 -3.61 3.55
CA PHE A 124 -8.35 -3.90 3.41
C PHE A 124 -7.96 -4.08 1.94
N TYR A 125 -8.74 -4.87 1.20
CA TYR A 125 -8.39 -5.16 -0.19
C TYR A 125 -8.54 -3.95 -1.08
N LEU A 126 -9.59 -3.15 -0.88
CA LEU A 126 -9.72 -1.94 -1.67
C LEU A 126 -8.66 -0.89 -1.35
N LYS A 127 -8.27 -0.77 -0.07
CA LYS A 127 -7.09 0.03 0.28
C LYS A 127 -5.85 -0.43 -0.48
N MET A 128 -5.64 -1.76 -0.51
CA MET A 128 -4.48 -2.32 -1.17
C MET A 128 -4.50 -1.98 -2.66
N LYS A 129 -5.70 -2.10 -3.28
CA LYS A 129 -5.85 -1.75 -4.69
C LYS A 129 -5.45 -0.28 -4.91
N GLY A 130 -5.94 0.63 -4.06
CA GLY A 130 -5.55 2.03 -4.13
C GLY A 130 -4.04 2.24 -3.99
N ASP A 131 -3.43 1.53 -3.05
CA ASP A 131 -2.02 1.66 -2.77
C ASP A 131 -1.18 1.25 -3.99
N TYR A 132 -1.54 0.13 -4.63
CA TYR A 132 -0.70 -0.38 -5.71
C TYR A 132 -0.93 0.41 -6.99
N TYR A 133 -2.14 0.96 -7.21
CA TYR A 133 -2.27 1.96 -8.27
C TYR A 133 -1.49 3.24 -7.96
N ARG A 134 -1.43 3.63 -6.67
CA ARG A 134 -0.65 4.78 -6.29
C ARG A 134 0.83 4.58 -6.61
N TYR A 135 1.35 3.38 -6.32
CA TYR A 135 2.74 3.09 -6.65
C TYR A 135 2.98 3.11 -8.16
N LEU A 136 2.01 2.61 -8.94
CA LEU A 136 2.08 2.75 -10.40
C LEU A 136 2.08 4.23 -10.81
N ALA A 137 1.28 5.05 -10.13
CA ALA A 137 1.21 6.46 -10.46
C ALA A 137 2.52 7.20 -10.19
N GLU A 138 3.27 6.78 -9.17
CA GLU A 138 4.54 7.41 -8.81
C GLU A 138 5.54 7.40 -9.97
N VAL A 139 5.46 6.38 -10.83
CA VAL A 139 6.39 6.21 -11.94
C VAL A 139 5.76 6.49 -13.31
N ALA A 140 4.47 6.82 -13.34
CA ALA A 140 3.76 6.98 -14.60
C ALA A 140 4.02 8.38 -15.17
N THR A 141 4.15 8.44 -16.50
CA THR A 141 4.52 9.74 -17.13
C THR A 141 3.84 9.87 -18.49
N GLY A 142 3.16 8.83 -18.93
CA GLY A 142 2.61 8.87 -20.30
C GLY A 142 1.10 9.09 -20.35
N ASP A 143 0.48 8.55 -21.40
CA ASP A 143 -0.97 8.78 -21.60
C ASP A 143 -1.83 8.00 -20.60
N ASP A 144 -1.24 7.24 -19.68
CA ASP A 144 -2.12 6.54 -18.75
C ASP A 144 -1.97 7.02 -17.31
N LYS A 145 -1.13 8.02 -17.07
CA LYS A 145 -0.97 8.59 -15.74
C LYS A 145 -2.31 9.03 -15.16
N LYS A 146 -3.13 9.71 -15.97
CA LYS A 146 -4.43 10.15 -15.48
C LYS A 146 -5.35 8.99 -15.12
N ARG A 147 -5.37 7.95 -15.97
CA ARG A 147 -6.26 6.83 -15.73
C ARG A 147 -5.76 6.05 -14.51
N ILE A 148 -4.43 5.95 -14.32
CA ILE A 148 -3.91 5.27 -13.15
C ILE A 148 -4.31 6.02 -11.86
N ILE A 149 -4.18 7.34 -11.87
CA ILE A 149 -4.56 8.16 -10.73
C ILE A 149 -6.05 8.00 -10.45
N ASP A 150 -6.88 7.98 -11.49
CA ASP A 150 -8.29 7.80 -11.24
C ASP A 150 -8.63 6.41 -10.68
N SER A 151 -7.91 5.37 -11.13
CA SER A 151 -8.12 4.05 -10.57
C SER A 151 -7.77 4.00 -9.08
N ALA A 152 -6.64 4.62 -8.71
CA ALA A 152 -6.30 4.71 -7.29
C ALA A 152 -7.42 5.39 -6.50
N ARG A 153 -7.80 6.57 -6.99
CA ARG A 153 -8.83 7.39 -6.34
CA ARG A 153 -8.81 7.39 -6.32
C ARG A 153 -10.11 6.60 -6.13
N SER A 154 -10.56 5.91 -7.18
CA SER A 154 -11.79 5.16 -7.15
C SER A 154 -11.78 4.02 -6.12
N ALA A 155 -10.64 3.31 -6.05
CA ALA A 155 -10.48 2.24 -5.06
C ALA A 155 -10.50 2.82 -3.63
N TYR A 156 -9.72 3.87 -3.40
CA TYR A 156 -9.69 4.51 -2.08
C TYR A 156 -11.07 5.03 -1.68
N GLN A 157 -11.78 5.63 -2.63
CA GLN A 157 -13.10 6.19 -2.34
C GLN A 157 -14.08 5.10 -1.94
N GLU A 158 -14.10 3.98 -2.68
CA GLU A 158 -15.01 2.89 -2.35
C GLU A 158 -14.69 2.35 -0.95
N ALA A 159 -13.39 2.18 -0.68
CA ALA A 159 -12.96 1.74 0.64
C ALA A 159 -13.40 2.72 1.73
N MET A 160 -13.27 4.02 1.47
CA MET A 160 -13.63 5.05 2.44
C MET A 160 -15.13 4.96 2.71
N ASP A 161 -15.93 4.82 1.65
CA ASP A 161 -17.38 4.79 1.85
C ASP A 161 -17.81 3.62 2.74
N ILE A 162 -17.23 2.42 2.51
CA ILE A 162 -17.54 1.29 3.35
C ILE A 162 -17.04 1.50 4.78
N SER A 163 -15.81 2.02 4.94
CA SER A 163 -15.23 2.16 6.27
C SER A 163 -16.04 3.10 7.15
N LYS A 164 -16.58 4.17 6.54
CA LYS A 164 -17.34 5.15 7.30
C LYS A 164 -18.68 4.58 7.76
N LYS A 165 -19.25 3.67 6.98
CA LYS A 165 -20.52 3.07 7.33
C LYS A 165 -20.39 1.90 8.30
N GLU A 166 -19.28 1.15 8.23
CA GLU A 166 -19.19 -0.15 8.85
C GLU A 166 -18.18 -0.29 9.98
N MET A 167 -17.25 0.65 10.11
CA MET A 167 -16.20 0.55 11.10
C MET A 167 -16.17 1.75 12.02
N PRO A 168 -15.71 1.59 13.27
CA PRO A 168 -15.51 2.73 14.18
C PRO A 168 -14.36 3.59 13.69
N PRO A 169 -14.38 4.89 14.03
CA PRO A 169 -13.32 5.80 13.58
C PRO A 169 -11.91 5.49 14.07
N THR A 170 -11.79 4.60 15.07
CA THR A 170 -10.49 4.17 15.55
C THR A 170 -9.99 2.85 14.95
N ASN A 171 -10.80 2.22 14.10
CA ASN A 171 -10.39 0.94 13.54
C ASN A 171 -9.07 1.11 12.80
N PRO A 172 -8.02 0.29 13.07
CA PRO A 172 -6.74 0.47 12.41
C PRO A 172 -6.78 0.43 10.89
N ILE A 173 -7.62 -0.42 10.31
CA ILE A 173 -7.73 -0.48 8.85
C ILE A 173 -8.32 0.84 8.33
N ARG A 174 -9.39 1.31 8.95
CA ARG A 174 -9.98 2.59 8.60
C ARG A 174 -8.97 3.73 8.71
N LEU A 175 -8.21 3.76 9.81
CA LEU A 175 -7.17 4.77 9.97
C LEU A 175 -6.05 4.68 8.95
N GLY A 176 -5.57 3.46 8.67
CA GLY A 176 -4.51 3.30 7.69
C GLY A 176 -4.95 3.67 6.28
N LEU A 177 -6.21 3.37 5.96
CA LEU A 177 -6.78 3.78 4.69
C LEU A 177 -6.81 5.30 4.57
N ALA A 178 -7.37 5.98 5.58
CA ALA A 178 -7.45 7.43 5.53
C ALA A 178 -6.06 8.07 5.45
N LEU A 179 -5.09 7.55 6.21
CA LEU A 179 -3.72 7.99 6.09
C LEU A 179 -3.23 7.89 4.64
N ASN A 180 -3.36 6.70 4.05
CA ASN A 180 -2.85 6.52 2.69
C ASN A 180 -3.61 7.32 1.64
N PHE A 181 -4.91 7.51 1.82
CA PHE A 181 -5.67 8.33 0.90
C PHE A 181 -5.21 9.79 1.01
N SER A 182 -4.91 10.25 2.24
CA SER A 182 -4.40 11.61 2.40
C SER A 182 -3.05 11.77 1.73
N VAL A 183 -2.18 10.75 1.79
CA VAL A 183 -0.92 10.76 1.07
C VAL A 183 -1.14 10.81 -0.44
N PHE A 184 -2.10 10.02 -0.93
CA PHE A 184 -2.50 10.09 -2.33
C PHE A 184 -2.84 11.53 -2.73
N HIS A 185 -3.67 12.20 -1.92
CA HIS A 185 -4.08 13.55 -2.27
C HIS A 185 -2.87 14.48 -2.34
N TYR A 186 -1.97 14.38 -1.36
CA TYR A 186 -0.85 15.31 -1.26
C TYR A 186 0.23 15.06 -2.31
N GLU A 187 0.60 13.78 -2.49
CA GLU A 187 1.79 13.45 -3.26
C GLU A 187 1.48 13.11 -4.72
N ILE A 188 0.26 12.64 -4.99
CA ILE A 188 -0.11 12.18 -6.33
C ILE A 188 -1.08 13.12 -7.03
N ALA A 189 -2.16 13.53 -6.32
CA ALA A 189 -3.25 14.25 -6.94
C ALA A 189 -3.13 15.77 -6.89
N ASN A 190 -2.01 16.29 -6.40
CA ASN A 190 -1.80 17.72 -6.33
C ASN A 190 -2.96 18.41 -5.60
N SER A 191 -3.40 17.79 -4.49
CA SER A 191 -4.54 18.28 -3.72
C SER A 191 -4.14 18.38 -2.26
N PRO A 192 -3.18 19.26 -1.90
CA PRO A 192 -2.71 19.33 -0.52
C PRO A 192 -3.82 19.72 0.47
N GLU A 193 -4.74 20.59 0.07
CA GLU A 193 -5.82 20.98 0.97
C GLU A 193 -6.75 19.81 1.28
N GLU A 194 -7.07 18.99 0.28
CA GLU A 194 -7.85 17.79 0.51
C GLU A 194 -7.12 16.84 1.45
N ALA A 195 -5.81 16.71 1.26
CA ALA A 195 -4.97 15.89 2.14
C ALA A 195 -5.04 16.32 3.60
N ILE A 196 -4.84 17.62 3.81
CA ILE A 196 -4.86 18.20 5.15
C ILE A 196 -6.25 18.04 5.78
N SER A 197 -7.30 18.33 5.03
CA SER A 197 -8.64 18.21 5.55
C SER A 197 -8.94 16.78 5.99
N LEU A 198 -8.64 15.81 5.12
CA LEU A 198 -8.86 14.42 5.46
C LEU A 198 -8.06 14.01 6.70
N ALA A 199 -6.79 14.38 6.76
CA ALA A 199 -5.98 13.99 7.91
C ALA A 199 -6.51 14.59 9.22
N LYS A 200 -6.94 15.85 9.16
CA LYS A 200 -7.45 16.54 10.34
C LYS A 200 -8.76 15.92 10.82
N THR A 201 -9.71 15.72 9.90
CA THR A 201 -11.00 15.13 10.25
C THR A 201 -10.82 13.71 10.78
N THR A 202 -9.96 12.92 10.13
CA THR A 202 -9.70 11.56 10.59
C THR A 202 -9.15 11.54 12.02
N PHE A 203 -8.15 12.39 12.27
CA PHE A 203 -7.51 12.46 13.57
C PHE A 203 -8.55 12.83 14.64
N ASP A 204 -9.34 13.86 14.36
CA ASP A 204 -10.31 14.38 15.33
C ASP A 204 -11.41 13.36 15.64
N GLU A 205 -11.91 12.63 14.65
CA GLU A 205 -12.96 11.66 14.88
C GLU A 205 -12.41 10.45 15.63
N ALA A 206 -11.16 10.09 15.37
CA ALA A 206 -10.55 9.02 16.13
C ALA A 206 -10.31 9.42 17.60
N MET A 207 -9.79 10.63 17.82
CA MET A 207 -9.57 11.15 19.16
C MET A 207 -10.83 11.00 20.02
N ALA A 208 -11.97 11.37 19.44
CA ALA A 208 -13.25 11.36 20.16
C ALA A 208 -13.79 9.97 20.45
N ASP A 209 -13.22 8.93 19.84
CA ASP A 209 -13.67 7.55 20.04
C ASP A 209 -12.68 6.70 20.85
N LEU A 210 -11.54 7.26 21.22
CA LEU A 210 -10.53 6.53 22.00
C LEU A 210 -11.07 6.01 23.32
N HIS A 211 -12.04 6.71 23.91
CA HIS A 211 -12.56 6.37 25.23
C HIS A 211 -13.23 5.00 25.26
N THR A 212 -13.62 4.48 24.09
CA THR A 212 -14.34 3.21 23.98
C THR A 212 -13.41 2.01 23.99
N LEU A 213 -12.11 2.25 23.88
CA LEU A 213 -11.14 1.20 23.59
C LEU A 213 -10.49 0.64 24.83
N SER A 214 -10.11 -0.64 24.74
CA SER A 214 -9.17 -1.24 25.67
C SER A 214 -7.78 -0.66 25.56
N GLU A 215 -6.93 -0.99 26.54
CA GLU A 215 -5.54 -0.54 26.55
CA GLU A 215 -5.55 -0.51 26.54
C GLU A 215 -4.81 -0.93 25.27
N ASP A 216 -5.00 -2.19 24.83
CA ASP A 216 -4.32 -2.67 23.64
C ASP A 216 -4.80 -2.00 22.36
N SER A 217 -6.12 -1.84 22.22
CA SER A 217 -6.68 -1.18 21.04
C SER A 217 -6.30 0.30 21.00
N TYR A 218 -6.24 0.92 22.19
CA TYR A 218 -5.80 2.30 22.30
C TYR A 218 -4.40 2.49 21.73
N LYS A 219 -3.49 1.59 22.12
CA LYS A 219 -2.13 1.67 21.62
C LYS A 219 -2.08 1.53 20.10
N ASP A 220 -2.82 0.56 19.55
CA ASP A 220 -2.91 0.39 18.10
C ASP A 220 -3.38 1.62 17.33
N SER A 221 -4.48 2.23 17.81
CA SER A 221 -5.08 3.37 17.13
C SER A 221 -4.20 4.62 17.23
N THR A 222 -3.65 4.87 18.42
CA THR A 222 -2.89 6.08 18.65
C THR A 222 -1.58 6.03 17.85
N LEU A 223 -1.05 4.82 17.63
CA LEU A 223 0.12 4.72 16.77
C LEU A 223 -0.12 5.32 15.38
N ILE A 224 -1.26 4.98 14.77
CA ILE A 224 -1.55 5.49 13.43
C ILE A 224 -1.92 6.96 13.45
N MET A 225 -2.61 7.38 14.52
CA MET A 225 -2.96 8.77 14.65
C MET A 225 -1.70 9.64 14.67
N GLN A 226 -0.62 9.14 15.29
CA GLN A 226 0.62 9.88 15.31
C GLN A 226 1.17 10.13 13.90
N LEU A 227 0.99 9.15 13.01
CA LEU A 227 1.39 9.37 11.62
C LEU A 227 0.59 10.44 10.88
N LEU A 228 -0.72 10.51 11.16
CA LEU A 228 -1.52 11.60 10.64
C LEU A 228 -0.96 12.93 11.14
N ARG A 229 -0.69 13.01 12.44
CA ARG A 229 -0.13 14.22 13.03
C ARG A 229 1.24 14.58 12.44
N ASP A 230 2.12 13.59 12.24
CA ASP A 230 3.41 13.84 11.64
C ASP A 230 3.28 14.43 10.24
N ASN A 231 2.34 13.89 9.44
CA ASN A 231 2.09 14.45 8.11
C ASN A 231 1.54 15.87 8.21
N LEU A 232 0.56 16.09 9.10
CA LEU A 232 0.02 17.42 9.22
C LEU A 232 1.10 18.44 9.59
N THR A 233 2.07 18.02 10.43
CA THR A 233 3.20 18.87 10.79
C THR A 233 4.08 19.19 9.58
N LEU A 234 4.27 18.18 8.71
CA LEU A 234 5.05 18.33 7.51
C LEU A 234 4.34 19.27 6.53
N TRP A 235 3.01 19.15 6.45
CA TRP A 235 2.23 19.80 5.41
C TRP A 235 1.77 21.22 5.74
N THR A 236 1.85 21.60 7.02
CA THR A 236 1.39 22.90 7.50
C THR A 236 2.48 23.61 8.33
N ASP B 1 11.42 16.06 2.94
CA ASP B 1 11.14 14.62 3.05
C ASP B 1 9.69 14.31 2.67
N ARG B 2 9.46 13.06 2.29
CA ARG B 2 8.17 12.62 1.77
C ARG B 2 7.19 12.40 2.92
N SER B 3 5.91 12.45 2.58
CA SER B 3 4.86 12.07 3.51
C SER B 3 5.01 10.62 3.98
N SER B 4 4.55 10.34 5.19
CA SER B 4 4.54 9.00 5.76
C SER B 4 3.25 8.29 5.40
N SEP B 5 3.36 7.11 4.76
CA SEP B 5 2.18 6.28 4.56
CB SEP B 5 2.16 5.70 3.15
OG SEP B 5 3.31 4.86 3.00
C SEP B 5 2.14 5.21 5.64
O SEP B 5 3.02 5.17 6.51
P SEP B 5 3.56 4.25 1.53
O1P SEP B 5 4.82 3.39 1.72
O2P SEP B 5 2.33 3.42 1.20
O3P SEP B 5 3.75 5.39 0.58
N ALA B 6 1.14 4.34 5.61
CA ALA B 6 0.95 3.36 6.66
C ALA B 6 2.15 2.43 6.68
N PRO B 7 2.76 2.16 7.85
CA PRO B 7 3.94 1.28 7.90
C PRO B 7 3.50 -0.18 7.98
N ASN B 8 4.48 -1.10 7.91
CA ASN B 8 4.19 -2.48 8.28
C ASN B 8 3.85 -2.60 9.76
N VAL B 9 2.88 -3.46 10.09
CA VAL B 9 2.49 -3.72 11.46
C VAL B 9 2.36 -5.22 11.68
CL CL C . 19.76 -2.40 -17.58
MG MG D . 8.84 2.78 -18.43
MG MG E . -5.36 26.75 2.20
C1 WQN F . -6.69 -7.45 8.86
C10 WQN F . -1.45 0.24 9.89
C11 WQN F . -0.75 -0.23 8.80
C12 WQN F . -1.44 -0.93 7.81
C13 WQN F . -1.87 -4.15 7.04
C14 WQN F . -1.81 -5.65 7.17
C2 WQN F . -7.15 -7.76 10.28
C3 WQN F . -4.74 -6.51 7.50
C4 WQN F . -3.79 -5.74 8.47
C5 WQN F . -4.48 -6.40 9.70
C6 WQN F . -3.91 -4.22 8.42
C7 WQN F . -2.79 -1.17 7.95
C8 WQN F . -3.49 -0.70 9.06
C9 WQN F . -2.80 0.01 10.04
N1 WQN F . -5.45 -6.90 8.73
N2 WQN F . -3.27 -3.72 7.17
O1 WQN F . -7.42 -7.63 7.86
O2 WQN F . -5.01 -2.01 6.77
O3 WQN F . -2.89 -1.97 5.48
O4 WQN F . -2.44 -6.14 8.36
S1 WQN F . -3.58 -2.16 6.73
BR1 WQN F . -0.47 1.22 11.19
#